data_2XGB
#
_entry.id   2XGB
#
_cell.length_a   68.622
_cell.length_b   71.068
_cell.length_c   92.309
_cell.angle_alpha   90.00
_cell.angle_beta   90.00
_cell.angle_gamma   90.00
#
_symmetry.space_group_name_H-M   'P 21 21 21'
#
loop_
_entity.id
_entity.type
_entity.pdbx_description
1 polymer BETA-AMYLASE
2 non-polymer '(2R)-oxiran-2-ylmethyl alpha-D-glucopyranoside'
3 non-polymer 1,2-ETHANEDIOL
4 water water
#
_entity_poly.entity_id   1
_entity_poly.type   'polypeptide(L)'
_entity_poly.pdbx_seq_one_letter_code
;MEVNVKGNYVQVYVMLPLDAVSVNNRFEKGDELRAQLRKLVEAGVDGVMVDVWWGLVEGKGPKAYDWSAYKQLFELVQKA
GLKLQAIMSFHQCGGNVGDAVNIPIPQWVRDVGTRDPDIFYTDGHGTRNIEYLTLGVDNQPLFHGRSAVQMYADYMTSFR
ENMKEFLDAGVIVDIEVGLGPAGEMRYPSYPQSHGWSFPGIGEFICYDKYLQADFKAAAAAVGHPEWEFPNDVGQYNDTP
ERTQFFRDNGTYLSEKGRFFLAWYSNNLIKHGDRILDEANKVFLGYKVQLAIKISGIHWWYKVPSHAAELTAGYYNLHDR
DGYRTIARMLKRHRASINFTCAEMRDSEQSSQAMSAPEELVQQVLSAGWREGLNVACENALPRYDPTAYNTILRNARPHG
INQSGPPEHKLFGFTYLRLSNQLVEGQNYANFKTFVDRMHANLPRDPYVDPMAPLPRSGPEISIEMILQAAQPKLQPFPF
QEHTDLPVGPTGGMGGQAEGPTCGMGGQVKGPTGGMGGQAEDPTSGIGGELPATM
;
_entity_poly.pdbx_strand_id   A
#
# COMPACT_ATOMS: atom_id res chain seq x y z
N ASN A 4 22.53 -20.54 -15.72
CA ASN A 4 22.21 -19.08 -15.86
C ASN A 4 21.09 -18.72 -14.89
N VAL A 5 21.50 -18.06 -13.80
CA VAL A 5 20.56 -17.76 -12.72
C VAL A 5 19.97 -16.36 -12.82
N LYS A 6 20.19 -15.66 -13.93
CA LYS A 6 19.73 -14.28 -14.08
C LYS A 6 18.22 -14.08 -13.84
N GLY A 7 17.39 -15.04 -14.25
CA GLY A 7 15.94 -14.87 -14.08
C GLY A 7 15.48 -14.89 -12.62
N ASN A 8 16.38 -15.25 -11.72
CA ASN A 8 16.14 -15.24 -10.27
C ASN A 8 16.30 -13.88 -9.56
N TYR A 9 16.93 -12.95 -10.22
CA TYR A 9 17.22 -11.64 -9.66
C TYR A 9 15.92 -10.93 -9.27
N VAL A 10 15.88 -10.47 -8.03
CA VAL A 10 14.78 -9.65 -7.51
C VAL A 10 15.31 -8.26 -7.18
N GLN A 11 14.69 -7.25 -7.77
CA GLN A 11 15.09 -5.85 -7.49
C GLN A 11 14.82 -5.49 -6.04
N VAL A 12 15.71 -4.67 -5.51
CA VAL A 12 15.58 -4.07 -4.18
C VAL A 12 15.55 -2.56 -4.31
N TYR A 13 14.49 -2.00 -3.76
CA TYR A 13 14.32 -0.56 -3.61
C TYR A 13 14.39 -0.24 -2.13
N VAL A 14 14.70 1.01 -1.83
CA VAL A 14 14.71 1.50 -0.44
C VAL A 14 13.81 2.73 -0.34
N MET A 15 12.89 2.71 0.61
CA MET A 15 12.07 3.89 0.88
CA MET A 15 12.06 3.86 0.87
C MET A 15 12.91 5.00 1.44
N LEU A 16 12.70 6.21 0.94
CA LEU A 16 13.38 7.35 1.48
C LEU A 16 12.75 7.78 2.82
N PRO A 17 13.41 8.67 3.55
CA PRO A 17 12.75 9.22 4.73
C PRO A 17 11.41 9.87 4.41
N LEU A 18 10.51 9.88 5.38
CA LEU A 18 9.18 10.43 5.16
C LEU A 18 9.20 11.85 4.66
N ASP A 19 10.14 12.60 5.23
CA ASP A 19 10.41 13.98 4.77
C ASP A 19 11.72 14.22 3.99
N ALA A 20 11.93 13.36 3.05
CA ALA A 20 12.91 13.58 2.02
C ALA A 20 12.74 15.00 1.44
N VAL A 21 11.49 15.40 1.31
CA VAL A 21 11.10 16.80 1.11
C VAL A 21 10.51 17.30 2.44
N SER A 22 10.90 18.49 2.85
CA SER A 22 10.54 18.97 4.17
C SER A 22 9.04 19.27 4.27
N VAL A 23 8.59 19.42 5.50
CA VAL A 23 7.19 19.77 5.80
C VAL A 23 6.81 21.13 5.21
N ASN A 24 7.82 21.88 4.79
CA ASN A 24 7.65 23.15 4.15
C ASN A 24 7.73 23.10 2.59
N ASN A 25 7.74 21.90 2.04
CA ASN A 25 7.89 21.69 0.61
C ASN A 25 9.17 22.28 0.06
N ARG A 26 10.25 22.05 0.79
CA ARG A 26 11.60 22.48 0.36
C ARG A 26 12.51 21.27 0.44
N PHE A 27 13.46 21.21 -0.47
CA PHE A 27 14.42 20.12 -0.48
C PHE A 27 15.67 20.64 0.25
N GLU A 28 15.75 20.28 1.51
CA GLU A 28 16.80 20.91 2.34
CA GLU A 28 16.60 20.84 2.57
C GLU A 28 17.74 19.96 3.02
N LYS A 29 17.65 18.66 2.75
CA LYS A 29 18.52 17.67 3.33
CA LYS A 29 18.65 17.75 3.31
C LYS A 29 19.25 16.92 2.20
N GLY A 30 19.48 17.56 1.05
CA GLY A 30 20.06 16.95 -0.12
C GLY A 30 21.46 16.40 0.04
N ASP A 31 22.31 17.09 0.77
CA ASP A 31 23.69 16.62 0.94
C ASP A 31 23.76 15.36 1.79
N GLU A 32 22.96 15.33 2.84
CA GLU A 32 22.83 14.15 3.67
C GLU A 32 22.28 12.98 2.87
N LEU A 33 21.24 13.25 2.11
CA LEU A 33 20.65 12.22 1.27
C LEU A 33 21.64 11.73 0.23
N ARG A 34 22.37 12.62 -0.43
CA ARG A 34 23.36 12.18 -1.38
C ARG A 34 24.37 11.21 -0.77
N ALA A 35 24.84 11.52 0.44
CA ALA A 35 25.78 10.68 1.14
C ALA A 35 25.19 9.29 1.47
N GLN A 36 23.91 9.29 1.88
CA GLN A 36 23.23 8.04 2.12
C GLN A 36 23.07 7.24 0.82
N LEU A 37 22.70 7.91 -0.25
CA LEU A 37 22.54 7.23 -1.53
C LEU A 37 23.85 6.59 -2.00
N ARG A 38 24.98 7.22 -1.72
CA ARG A 38 26.27 6.57 -2.03
C ARG A 38 26.35 5.22 -1.36
N LYS A 39 25.94 5.11 -0.10
CA LYS A 39 25.96 3.83 0.59
C LYS A 39 24.99 2.84 -0.09
N LEU A 40 23.82 3.30 -0.56
CA LEU A 40 22.90 2.39 -1.23
C LEU A 40 23.49 1.91 -2.53
N VAL A 41 24.17 2.78 -3.27
CA VAL A 41 24.80 2.40 -4.52
C VAL A 41 25.98 1.44 -4.29
N GLU A 42 26.75 1.67 -3.24
CA GLU A 42 27.81 0.74 -2.84
C GLU A 42 27.22 -0.65 -2.59
N ALA A 43 25.98 -0.72 -2.10
CA ALA A 43 25.30 -1.98 -1.81
C ALA A 43 24.61 -2.64 -2.99
N GLY A 44 24.54 -1.95 -4.12
CA GLY A 44 23.93 -2.49 -5.32
C GLY A 44 22.43 -2.29 -5.45
N VAL A 45 21.86 -1.39 -4.66
CA VAL A 45 20.41 -1.17 -4.67
C VAL A 45 19.92 -0.73 -6.04
N ASP A 46 18.75 -1.21 -6.45
CA ASP A 46 18.20 -0.86 -7.74
C ASP A 46 17.60 0.54 -7.79
N GLY A 47 16.95 0.95 -6.74
CA GLY A 47 16.32 2.27 -6.72
C GLY A 47 15.76 2.62 -5.37
N VAL A 48 15.03 3.73 -5.34
CA VAL A 48 14.39 4.22 -4.13
C VAL A 48 12.93 4.45 -4.37
N MET A 49 12.18 4.54 -3.27
CA MET A 49 10.74 4.85 -3.28
CA MET A 49 10.76 4.86 -3.30
C MET A 49 10.53 6.10 -2.47
N VAL A 50 9.61 6.95 -2.91
CA VAL A 50 9.35 8.15 -2.15
C VAL A 50 7.89 8.57 -2.22
N ASP A 51 7.42 9.07 -1.09
CA ASP A 51 6.12 9.72 -1.00
C ASP A 51 6.15 11.06 -1.71
N VAL A 52 5.18 11.28 -2.57
CA VAL A 52 5.00 12.57 -3.26
C VAL A 52 3.75 13.17 -2.65
N TRP A 53 3.94 13.96 -1.59
CA TRP A 53 2.86 14.34 -0.67
C TRP A 53 1.94 15.40 -1.25
N TRP A 54 0.66 15.06 -1.36
CA TRP A 54 -0.37 15.96 -1.87
C TRP A 54 -0.39 17.26 -1.10
N GLY A 55 -0.34 17.16 0.23
CA GLY A 55 -0.38 18.35 1.06
C GLY A 55 0.80 19.27 0.90
N LEU A 56 1.94 18.75 0.45
CA LEU A 56 3.07 19.62 0.12
C LEU A 56 2.89 20.27 -1.22
N VAL A 57 2.53 19.55 -2.24
CA VAL A 57 2.56 20.05 -3.60
C VAL A 57 1.38 20.92 -3.94
N GLU A 58 0.16 20.52 -3.56
CA GLU A 58 -1.05 21.30 -3.84
C GLU A 58 -1.52 21.98 -2.56
N GLY A 59 -0.58 22.40 -1.73
CA GLY A 59 -0.96 23.07 -0.48
C GLY A 59 -1.54 24.52 -0.62
N LYS A 60 -1.16 25.28 -1.65
CA LYS A 60 -1.60 26.70 -1.73
C LYS A 60 -3.08 26.88 -1.99
N GLY A 61 -3.59 26.04 -2.87
CA GLY A 61 -4.90 26.21 -3.40
C GLY A 61 -5.09 25.29 -4.57
N PRO A 62 -6.31 25.21 -5.12
CA PRO A 62 -6.57 24.31 -6.24
C PRO A 62 -5.71 24.56 -7.42
N LYS A 63 -5.04 23.51 -7.85
CA LYS A 63 -4.20 23.50 -9.04
C LYS A 63 -2.98 24.37 -8.89
N ALA A 64 -2.64 24.81 -7.68
CA ALA A 64 -1.45 25.61 -7.44
C ALA A 64 -0.27 24.70 -7.14
N TYR A 65 0.07 23.83 -8.07
CA TYR A 65 1.05 22.82 -7.82
C TYR A 65 2.45 23.40 -7.74
N ASP A 66 3.21 23.02 -6.71
CA ASP A 66 4.57 23.47 -6.55
C ASP A 66 5.51 22.26 -6.54
N TRP A 67 6.09 21.96 -7.67
CA TRP A 67 6.92 20.76 -7.88
C TRP A 67 8.39 21.00 -7.64
N SER A 68 8.76 22.21 -7.25
CA SER A 68 10.17 22.59 -7.12
CA SER A 68 10.16 22.60 -7.18
C SER A 68 11.04 21.62 -6.34
N ALA A 69 10.62 21.29 -5.12
CA ALA A 69 11.39 20.43 -4.27
C ALA A 69 11.49 19.02 -4.83
N TYR A 70 10.37 18.46 -5.31
CA TYR A 70 10.41 17.13 -5.85
C TYR A 70 11.29 17.06 -7.08
N LYS A 71 11.29 18.08 -7.95
CA LYS A 71 12.20 18.02 -9.08
C LYS A 71 13.66 17.99 -8.65
N GLN A 72 14.01 18.73 -7.60
CA GLN A 72 15.37 18.71 -7.06
CA GLN A 72 15.38 18.67 -7.06
C GLN A 72 15.72 17.30 -6.52
N LEU A 73 14.79 16.70 -5.78
CA LEU A 73 15.00 15.37 -5.28
CA LEU A 73 14.99 15.36 -5.27
C LEU A 73 15.20 14.37 -6.41
N PHE A 74 14.34 14.43 -7.41
CA PHE A 74 14.41 13.45 -8.50
C PHE A 74 15.72 13.61 -9.27
N GLU A 75 16.16 14.86 -9.47
CA GLU A 75 17.47 15.07 -10.14
C GLU A 75 18.60 14.43 -9.33
N LEU A 76 18.56 14.57 -8.00
CA LEU A 76 19.59 13.97 -7.17
CA LEU A 76 19.60 13.94 -7.16
C LEU A 76 19.59 12.41 -7.34
N VAL A 77 18.40 11.81 -7.32
CA VAL A 77 18.29 10.37 -7.48
C VAL A 77 18.81 9.95 -8.87
N GLN A 78 18.44 10.68 -9.91
CA GLN A 78 18.94 10.39 -11.25
C GLN A 78 20.48 10.46 -11.28
N LYS A 79 21.04 11.51 -10.69
CA LYS A 79 22.50 11.68 -10.69
CA LYS A 79 22.51 11.68 -10.68
C LYS A 79 23.20 10.59 -9.89
N ALA A 80 22.50 9.86 -9.04
CA ALA A 80 23.03 8.68 -8.32
C ALA A 80 22.93 7.40 -9.12
N GLY A 81 22.32 7.42 -10.30
CA GLY A 81 22.15 6.21 -11.10
C GLY A 81 21.05 5.31 -10.59
N LEU A 82 20.17 5.80 -9.72
CA LEU A 82 19.10 5.00 -9.11
C LEU A 82 17.77 5.20 -9.83
N LYS A 83 16.98 4.14 -9.91
CA LYS A 83 15.60 4.25 -10.31
CA LYS A 83 15.59 4.19 -10.32
C LYS A 83 14.72 4.73 -9.17
N LEU A 84 13.49 5.07 -9.51
CA LEU A 84 12.60 5.77 -8.61
CA LEU A 84 12.60 5.67 -8.50
C LEU A 84 11.17 5.20 -8.69
N GLN A 85 10.58 4.86 -7.58
CA GLN A 85 9.14 4.50 -7.41
CA GLN A 85 9.15 4.61 -7.53
C GLN A 85 8.49 5.72 -6.74
N ALA A 86 7.49 6.32 -7.37
CA ALA A 86 6.84 7.51 -6.83
C ALA A 86 5.47 7.11 -6.30
N ILE A 87 5.19 7.42 -5.06
CA ILE A 87 3.88 7.20 -4.49
C ILE A 87 3.07 8.50 -4.61
N MET A 88 1.88 8.39 -5.18
CA MET A 88 0.95 9.49 -5.19
C MET A 88 0.26 9.51 -3.81
N SER A 89 0.83 10.31 -2.91
CA SER A 89 0.49 10.21 -1.49
C SER A 89 -0.62 11.20 -1.16
N PHE A 90 -1.85 10.75 -1.35
CA PHE A 90 -3.07 11.51 -1.14
C PHE A 90 -3.60 11.45 0.28
N HIS A 91 -2.67 11.39 1.24
CA HIS A 91 -2.97 11.13 2.64
C HIS A 91 -2.06 11.92 3.53
N GLN A 92 -2.43 11.95 4.80
CA GLN A 92 -1.65 12.61 5.82
C GLN A 92 -0.50 11.71 6.27
N CYS A 93 0.67 12.31 6.45
N CYS A 93 0.66 12.34 6.42
CA CYS A 93 1.72 11.66 7.24
CA CYS A 93 1.85 11.77 7.04
C CYS A 93 1.56 12.11 8.71
C CYS A 93 1.78 12.08 8.53
N GLY A 94 1.50 11.15 9.63
N GLY A 94 2.00 11.10 9.37
CA GLY A 94 1.14 11.38 11.03
CA GLY A 94 2.10 11.34 10.79
C GLY A 94 -0.10 10.56 11.40
C GLY A 94 0.77 11.75 11.38
N GLY A 95 0.03 9.73 12.42
N GLY A 95 0.83 12.53 12.45
CA GLY A 95 -1.14 9.03 12.96
CA GLY A 95 -0.37 12.83 13.22
C GLY A 95 -1.11 7.52 12.72
C GLY A 95 -0.61 11.80 14.30
N ASN A 96 -0.19 7.08 11.88
N ASN A 96 0.32 10.87 14.49
CA ASN A 96 0.01 5.64 11.63
CA ASN A 96 0.23 10.07 15.70
C ASN A 96 1.37 5.19 12.13
C ASN A 96 1.22 10.52 16.73
N VAL A 97 1.51 3.89 12.32
N VAL A 97 0.94 10.08 17.94
CA VAL A 97 2.70 3.37 12.97
CA VAL A 97 1.77 10.41 19.06
C VAL A 97 3.94 3.80 12.20
C VAL A 97 3.18 9.92 18.77
N GLY A 98 4.92 4.29 12.95
N GLY A 98 4.12 10.86 18.83
CA GLY A 98 6.22 4.71 12.43
CA GLY A 98 5.53 10.61 18.63
C GLY A 98 6.28 6.14 11.93
C GLY A 98 6.03 10.73 17.20
N ASP A 99 5.15 6.83 11.86
N ASP A 99 5.15 11.07 16.26
CA ASP A 99 5.15 8.14 11.24
CA ASP A 99 5.57 11.18 14.89
C ASP A 99 5.92 9.07 12.14
C ASP A 99 6.38 12.45 14.68
N ALA A 100 6.86 9.79 11.54
N ALA A 100 7.56 12.30 14.11
CA ALA A 100 7.88 10.57 12.22
CA ALA A 100 8.44 13.41 13.83
C ALA A 100 7.66 12.06 12.08
C ALA A 100 8.04 14.23 12.61
N VAL A 101 6.78 12.44 11.17
N VAL A 101 7.43 13.57 11.61
CA VAL A 101 6.78 13.77 10.57
CA VAL A 101 6.98 14.21 10.37
C VAL A 101 5.31 14.02 10.30
C VAL A 101 5.43 14.17 10.32
N ASN A 102 4.92 15.28 10.22
N ASN A 102 4.78 15.34 10.49
CA ASN A 102 3.51 15.64 10.23
CA ASN A 102 3.34 15.54 10.26
C ASN A 102 3.16 16.46 9.00
C ASN A 102 3.15 16.40 9.02
N ILE A 103 2.47 15.83 8.06
CA ILE A 103 2.17 16.48 6.76
C ILE A 103 0.70 16.17 6.42
N PRO A 104 -0.21 17.10 6.69
CA PRO A 104 -1.62 16.85 6.43
C PRO A 104 -1.92 16.95 4.94
N ILE A 105 -3.13 16.56 4.55
CA ILE A 105 -3.65 16.86 3.22
C ILE A 105 -3.88 18.37 3.10
N PRO A 106 -4.10 18.89 1.89
CA PRO A 106 -4.14 20.35 1.78
C PRO A 106 -5.17 21.01 2.67
N GLN A 107 -4.78 22.14 3.27
CA GLN A 107 -5.64 22.87 4.15
C GLN A 107 -6.95 23.29 3.50
N TRP A 108 -6.88 23.75 2.24
CA TRP A 108 -8.06 24.20 1.53
C TRP A 108 -9.04 23.04 1.27
N VAL A 109 -8.54 21.80 1.19
CA VAL A 109 -9.39 20.63 1.14
C VAL A 109 -10.10 20.42 2.47
N ARG A 110 -9.33 20.46 3.55
CA ARG A 110 -9.88 20.32 4.87
C ARG A 110 -10.89 21.42 5.20
N ASP A 111 -10.73 22.63 4.64
CA ASP A 111 -11.70 23.67 4.89
C ASP A 111 -13.09 23.29 4.43
N VAL A 112 -13.20 22.48 3.38
CA VAL A 112 -14.50 22.01 2.92
C VAL A 112 -15.22 21.26 4.03
N GLY A 113 -14.44 20.56 4.85
CA GLY A 113 -14.96 19.78 5.97
C GLY A 113 -15.63 20.57 7.10
N THR A 114 -15.40 21.87 7.16
CA THR A 114 -16.11 22.74 8.13
C THR A 114 -17.62 22.80 7.87
N ARG A 115 -18.04 22.93 6.61
CA ARG A 115 -19.46 22.92 6.30
CA ARG A 115 -19.47 22.90 6.32
C ARG A 115 -19.90 21.48 5.99
N ASP A 116 -18.96 20.59 5.58
CA ASP A 116 -19.29 19.19 5.18
C ASP A 116 -18.34 18.20 5.82
N PRO A 117 -18.58 17.89 7.12
CA PRO A 117 -17.66 17.01 7.82
C PRO A 117 -17.67 15.57 7.32
N ASP A 118 -18.66 15.24 6.50
CA ASP A 118 -18.81 13.91 5.93
C ASP A 118 -17.88 13.64 4.74
N ILE A 119 -16.96 14.57 4.46
CA ILE A 119 -15.90 14.27 3.50
C ILE A 119 -14.85 13.34 4.09
N PHE A 120 -14.93 13.07 5.39
CA PHE A 120 -13.98 12.22 6.12
C PHE A 120 -14.62 10.88 6.49
N TYR A 121 -13.84 9.80 6.40
CA TYR A 121 -14.28 8.54 6.99
C TYR A 121 -14.66 8.81 8.46
N THR A 122 -15.79 8.25 8.87
CA THR A 122 -16.38 8.50 10.16
C THR A 122 -16.76 7.15 10.80
N ASP A 123 -16.49 7.01 12.10
CA ASP A 123 -16.85 5.79 12.82
C ASP A 123 -18.22 5.92 13.51
N GLY A 124 -18.62 4.83 14.17
CA GLY A 124 -19.93 4.75 14.77
C GLY A 124 -20.14 5.63 15.96
N HIS A 125 -19.06 6.17 16.50
CA HIS A 125 -19.08 7.17 17.56
C HIS A 125 -19.22 8.61 16.99
N GLY A 126 -19.11 8.74 15.67
CA GLY A 126 -19.09 10.02 15.01
C GLY A 126 -17.72 10.62 14.79
N THR A 127 -16.66 9.92 15.21
CA THR A 127 -15.34 10.51 15.07
C THR A 127 -14.93 10.57 13.62
N ARG A 128 -14.46 11.72 13.21
CA ARG A 128 -13.96 11.96 11.86
C ARG A 128 -12.48 11.68 11.77
N ASN A 129 -12.04 10.94 10.79
CA ASN A 129 -10.61 10.75 10.54
C ASN A 129 -10.18 11.71 9.43
N ILE A 130 -9.27 12.61 9.73
CA ILE A 130 -8.92 13.68 8.81
C ILE A 130 -7.73 13.36 7.91
N GLU A 131 -7.32 12.10 7.85
CA GLU A 131 -6.13 11.75 7.11
CA GLU A 131 -6.13 11.69 7.11
C GLU A 131 -6.30 11.53 5.60
N TYR A 132 -7.54 11.39 5.16
CA TYR A 132 -7.85 10.96 3.80
C TYR A 132 -9.32 11.26 3.55
N LEU A 133 -9.71 11.44 2.30
CA LEU A 133 -11.10 11.70 1.93
C LEU A 133 -11.87 10.37 1.75
N THR A 134 -13.05 10.26 2.37
CA THR A 134 -13.85 9.07 2.19
C THR A 134 -14.03 8.74 0.72
N LEU A 135 -14.00 7.44 0.41
CA LEU A 135 -14.34 6.99 -0.94
C LEU A 135 -15.76 7.41 -1.31
N GLY A 136 -16.59 7.70 -0.31
CA GLY A 136 -17.92 8.21 -0.60
C GLY A 136 -17.98 9.53 -1.36
N VAL A 137 -16.90 10.31 -1.36
CA VAL A 137 -16.88 11.57 -2.11
C VAL A 137 -16.00 11.47 -3.37
N ASP A 138 -15.64 10.26 -3.78
CA ASP A 138 -14.87 10.07 -5.00
C ASP A 138 -15.48 10.84 -6.17
N ASN A 139 -16.78 10.75 -6.33
CA ASN A 139 -17.48 11.35 -7.47
C ASN A 139 -18.42 12.48 -7.03
N GLN A 140 -18.21 13.08 -5.87
CA GLN A 140 -19.03 14.19 -5.41
C GLN A 140 -18.26 15.48 -5.65
N PRO A 141 -18.87 16.44 -6.37
CA PRO A 141 -18.12 17.66 -6.79
C PRO A 141 -18.12 18.73 -5.70
N LEU A 142 -17.45 18.42 -4.62
CA LEU A 142 -17.53 19.21 -3.40
C LEU A 142 -16.39 20.19 -3.19
N PHE A 143 -15.34 20.08 -4.00
CA PHE A 143 -14.08 20.76 -3.70
C PHE A 143 -13.87 21.84 -4.77
N HIS A 144 -14.53 22.98 -4.57
CA HIS A 144 -14.51 24.07 -5.54
C HIS A 144 -14.76 23.55 -6.93
N GLY A 145 -15.80 22.71 -7.05
CA GLY A 145 -16.26 22.21 -8.29
C GLY A 145 -15.72 20.85 -8.70
N ARG A 146 -14.64 20.39 -8.08
CA ARG A 146 -14.02 19.09 -8.42
C ARG A 146 -14.42 18.03 -7.42
N SER A 147 -14.51 16.80 -7.90
CA SER A 147 -14.64 15.63 -7.06
C SER A 147 -13.25 15.20 -6.54
N ALA A 148 -13.23 14.26 -5.59
CA ALA A 148 -11.93 13.73 -5.13
C ALA A 148 -11.20 13.04 -6.27
N VAL A 149 -11.88 12.22 -7.04
CA VAL A 149 -11.22 11.53 -8.15
C VAL A 149 -10.62 12.54 -9.14
N GLN A 150 -11.35 13.62 -9.44
CA GLN A 150 -10.80 14.67 -10.29
C GLN A 150 -9.54 15.30 -9.72
N MET A 151 -9.58 15.55 -8.43
CA MET A 151 -8.39 16.10 -7.78
C MET A 151 -7.21 15.12 -7.95
N TYR A 152 -7.45 13.84 -7.73
CA TYR A 152 -6.36 12.86 -7.84
C TYR A 152 -5.81 12.80 -9.27
N ALA A 153 -6.73 12.76 -10.24
CA ALA A 153 -6.37 12.72 -11.65
C ALA A 153 -5.59 13.96 -12.06
N ASP A 154 -6.05 15.14 -11.65
CA ASP A 154 -5.37 16.40 -11.98
C ASP A 154 -3.97 16.44 -11.39
N TYR A 155 -3.83 15.93 -10.14
CA TYR A 155 -2.50 15.87 -9.51
C TYR A 155 -1.56 14.98 -10.30
N MET A 156 -2.04 13.80 -10.68
CA MET A 156 -1.23 12.88 -11.45
C MET A 156 -0.88 13.44 -12.83
N THR A 157 -1.81 14.16 -13.47
CA THR A 157 -1.54 14.81 -14.73
C THR A 157 -0.41 15.83 -14.61
N SER A 158 -0.49 16.66 -13.57
CA SER A 158 0.53 17.68 -13.34
C SER A 158 1.87 17.04 -13.05
N PHE A 159 1.85 15.95 -12.27
CA PHE A 159 3.07 15.19 -12.00
C PHE A 159 3.69 14.70 -13.32
N ARG A 160 2.88 14.06 -14.17
CA ARG A 160 3.38 13.56 -15.44
C ARG A 160 4.00 14.67 -16.27
N GLU A 161 3.33 15.80 -16.38
CA GLU A 161 3.80 16.89 -17.21
C GLU A 161 5.12 17.41 -16.66
N ASN A 162 5.21 17.61 -15.34
CA ASN A 162 6.39 18.16 -14.75
C ASN A 162 7.57 17.21 -14.72
N MET A 163 7.27 15.91 -14.62
CA MET A 163 8.28 14.88 -14.42
C MET A 163 8.57 14.10 -15.70
N LYS A 164 8.10 14.63 -16.84
CA LYS A 164 8.25 13.91 -18.11
C LYS A 164 9.70 13.56 -18.42
N GLU A 165 10.64 14.44 -18.15
CA GLU A 165 12.01 14.10 -18.47
C GLU A 165 12.53 12.92 -17.64
N PHE A 166 12.08 12.79 -16.39
CA PHE A 166 12.51 11.68 -15.56
C PHE A 166 11.84 10.38 -15.97
N LEU A 167 10.62 10.46 -16.48
CA LEU A 167 9.94 9.28 -17.06
C LEU A 167 10.68 8.85 -18.33
N ASP A 168 10.94 9.79 -19.24
CA ASP A 168 11.55 9.46 -20.52
C ASP A 168 13.00 8.94 -20.34
N ALA A 169 13.71 9.40 -19.32
CA ALA A 169 15.06 8.95 -19.04
C ALA A 169 15.10 7.59 -18.31
N GLY A 170 13.94 7.03 -17.97
CA GLY A 170 13.95 5.76 -17.28
C GLY A 170 14.29 5.84 -15.81
N VAL A 171 14.14 7.03 -15.23
CA VAL A 171 14.38 7.21 -13.81
C VAL A 171 13.15 6.74 -13.04
N ILE A 172 11.99 7.31 -13.35
CA ILE A 172 10.73 6.93 -12.72
C ILE A 172 10.20 5.71 -13.44
N VAL A 173 10.05 4.60 -12.72
CA VAL A 173 9.71 3.31 -13.30
C VAL A 173 8.43 2.70 -12.71
N ASP A 174 7.90 3.26 -11.66
CA ASP A 174 6.73 2.77 -10.93
CA ASP A 174 6.64 2.79 -11.06
C ASP A 174 5.96 3.96 -10.37
N ILE A 175 4.64 3.93 -10.48
CA ILE A 175 3.76 4.87 -9.84
C ILE A 175 2.85 4.07 -8.92
N GLU A 176 2.98 4.29 -7.62
CA GLU A 176 2.08 3.62 -6.66
C GLU A 176 1.00 4.64 -6.32
N VAL A 177 -0.26 4.27 -6.58
CA VAL A 177 -1.38 5.20 -6.36
C VAL A 177 -1.87 5.04 -4.92
N GLY A 178 -1.71 6.05 -4.09
CA GLY A 178 -2.24 5.97 -2.74
C GLY A 178 -3.75 5.94 -2.77
N LEU A 179 -4.35 5.06 -1.98
CA LEU A 179 -5.80 4.80 -2.04
C LEU A 179 -6.47 4.86 -0.67
N GLY A 180 -5.77 5.37 0.33
CA GLY A 180 -6.36 5.47 1.64
C GLY A 180 -5.32 5.94 2.61
N PRO A 181 -5.63 5.82 3.89
CA PRO A 181 -4.68 6.14 4.96
C PRO A 181 -3.35 5.43 4.74
N ALA A 182 -2.26 6.16 5.01
CA ALA A 182 -0.91 5.64 4.88
C ALA A 182 -0.66 5.11 3.45
N GLY A 183 -1.41 5.61 2.47
CA GLY A 183 -1.31 5.20 1.08
C GLY A 183 -1.97 3.88 0.74
N GLU A 184 -2.51 3.20 1.73
CA GLU A 184 -2.98 1.84 1.61
C GLU A 184 -4.48 1.82 1.25
N MET A 185 -4.85 0.86 0.42
CA MET A 185 -6.22 0.69 0.02
CA MET A 185 -6.22 0.66 0.02
C MET A 185 -6.96 -0.03 1.16
N ARG A 186 -7.49 0.76 2.07
CA ARG A 186 -8.13 0.28 3.32
C ARG A 186 -8.93 1.38 3.91
N TYR A 187 -9.76 1.03 4.90
CA TYR A 187 -10.38 2.01 5.80
C TYR A 187 -9.47 2.25 6.99
N PRO A 188 -9.63 3.38 7.69
CA PRO A 188 -8.77 3.72 8.86
C PRO A 188 -9.35 3.05 10.13
N SER A 189 -9.37 1.71 10.11
CA SER A 189 -10.04 0.92 11.13
C SER A 189 -9.29 0.70 12.43
N TYR A 190 -8.00 1.09 12.44
CA TYR A 190 -7.08 0.92 13.57
C TYR A 190 -6.30 2.21 13.84
N PRO A 191 -6.99 3.23 14.33
CA PRO A 191 -6.40 4.57 14.54
C PRO A 191 -5.58 4.59 15.82
N GLN A 192 -4.30 4.34 15.70
CA GLN A 192 -3.44 4.13 16.88
CA GLN A 192 -3.37 4.13 16.84
C GLN A 192 -3.31 5.35 17.76
N SER A 193 -3.62 6.56 17.28
CA SER A 193 -3.53 7.72 18.20
CA SER A 193 -3.54 7.77 18.13
C SER A 193 -4.90 8.22 18.70
N HIS A 194 -5.97 7.50 18.38
CA HIS A 194 -7.33 7.94 18.78
C HIS A 194 -8.21 6.79 19.18
N GLY A 195 -7.62 5.87 19.91
CA GLY A 195 -8.42 4.93 20.68
C GLY A 195 -8.34 3.47 20.26
N TRP A 196 -7.40 3.13 19.38
CA TRP A 196 -7.07 1.74 19.09
C TRP A 196 -5.66 1.47 19.54
N SER A 197 -5.49 0.27 20.10
CA SER A 197 -4.19 -0.30 20.39
C SER A 197 -4.13 -1.72 19.86
N PHE A 198 -3.02 -2.06 19.25
CA PHE A 198 -2.77 -3.42 18.77
C PHE A 198 -2.94 -4.41 19.91
N PRO A 199 -3.58 -5.57 19.71
CA PRO A 199 -4.19 -6.11 18.48
C PRO A 199 -5.75 -5.98 18.50
N GLY A 200 -6.29 -4.81 18.79
CA GLY A 200 -7.74 -4.68 18.78
C GLY A 200 -8.35 -5.05 17.41
N ILE A 201 -9.58 -5.52 17.42
CA ILE A 201 -10.27 -5.85 16.19
C ILE A 201 -10.54 -4.67 15.25
N GLY A 202 -10.48 -3.45 15.75
CA GLY A 202 -10.79 -2.27 14.95
C GLY A 202 -12.29 -2.07 14.79
N GLU A 203 -12.67 -1.09 13.98
CA GLU A 203 -14.07 -0.79 13.73
C GLU A 203 -14.33 -0.54 12.27
N PHE A 204 -15.60 -0.70 11.89
CA PHE A 204 -16.08 -0.34 10.57
C PHE A 204 -16.22 1.17 10.49
N ILE A 205 -15.60 1.79 9.46
CA ILE A 205 -15.51 3.25 9.36
C ILE A 205 -16.34 3.75 8.18
N CYS A 206 -17.63 3.45 8.23
CA CYS A 206 -18.57 3.63 7.13
C CYS A 206 -19.74 4.57 7.48
N TYR A 207 -19.59 5.38 8.52
CA TYR A 207 -20.69 6.19 9.01
C TYR A 207 -20.79 7.59 8.41
N ASP A 208 -19.88 7.96 7.51
CA ASP A 208 -20.06 9.25 6.84
C ASP A 208 -21.37 9.21 6.08
N LYS A 209 -22.00 10.38 5.89
CA LYS A 209 -23.36 10.40 5.32
C LYS A 209 -23.37 9.89 3.89
N TYR A 210 -22.27 10.03 3.14
CA TYR A 210 -22.24 9.56 1.78
C TYR A 210 -22.28 8.01 1.74
N LEU A 211 -21.48 7.37 2.58
CA LEU A 211 -21.50 5.93 2.66
C LEU A 211 -22.80 5.42 3.27
N GLN A 212 -23.38 6.13 4.24
CA GLN A 212 -24.69 5.68 4.75
C GLN A 212 -25.75 5.69 3.64
N ALA A 213 -25.76 6.73 2.83
CA ALA A 213 -26.74 6.83 1.75
C ALA A 213 -26.48 5.71 0.72
N ASP A 214 -25.20 5.41 0.44
CA ASP A 214 -24.87 4.34 -0.51
C ASP A 214 -25.35 2.98 0.02
N PHE A 215 -25.13 2.71 1.32
CA PHE A 215 -25.62 1.47 1.89
C PHE A 215 -27.14 1.39 1.81
N LYS A 216 -27.82 2.49 2.13
CA LYS A 216 -29.29 2.48 2.08
C LYS A 216 -29.77 2.13 0.68
N ALA A 217 -29.12 2.72 -0.31
CA ALA A 217 -29.50 2.47 -1.69
C ALA A 217 -29.22 1.01 -2.06
N ALA A 218 -28.10 0.45 -1.66
CA ALA A 218 -27.73 -0.92 -1.94
C ALA A 218 -28.69 -1.89 -1.29
N ALA A 219 -29.03 -1.62 -0.03
CA ALA A 219 -29.97 -2.46 0.72
C ALA A 219 -31.36 -2.42 0.12
N ALA A 220 -31.80 -1.25 -0.28
CA ALA A 220 -33.11 -1.10 -0.92
C ALA A 220 -33.16 -1.86 -2.24
N ALA A 221 -32.06 -1.86 -2.99
CA ALA A 221 -32.05 -2.50 -4.30
C ALA A 221 -32.31 -3.97 -4.19
N VAL A 222 -31.98 -4.57 -3.06
CA VAL A 222 -32.23 -6.01 -2.79
C VAL A 222 -33.43 -6.24 -1.87
N GLY A 223 -34.27 -5.23 -1.73
CA GLY A 223 -35.54 -5.37 -1.04
C GLY A 223 -35.48 -5.29 0.46
N HIS A 224 -34.38 -4.73 0.99
CA HIS A 224 -34.23 -4.57 2.43
C HIS A 224 -33.91 -3.15 2.85
N PRO A 225 -34.85 -2.23 2.60
CA PRO A 225 -34.57 -0.86 2.92
C PRO A 225 -34.34 -0.61 4.37
N GLU A 226 -34.78 -1.52 5.22
CA GLU A 226 -34.67 -1.35 6.65
C GLU A 226 -33.33 -1.75 7.22
N TRP A 227 -32.50 -2.47 6.46
CA TRP A 227 -31.20 -2.89 6.99
C TRP A 227 -30.34 -1.71 7.39
N GLU A 228 -29.63 -1.91 8.50
CA GLU A 228 -28.66 -0.95 9.00
C GLU A 228 -27.31 -1.62 9.19
N PHE A 229 -26.28 -0.83 9.41
CA PHE A 229 -24.99 -1.41 9.71
C PHE A 229 -25.11 -2.27 10.98
N PRO A 230 -24.26 -3.29 11.10
CA PRO A 230 -24.29 -4.12 12.30
C PRO A 230 -24.01 -3.33 13.55
N ASN A 231 -24.77 -3.62 14.61
CA ASN A 231 -24.58 -2.91 15.87
C ASN A 231 -24.06 -3.81 16.98
N ASP A 232 -23.67 -5.03 16.65
CA ASP A 232 -23.21 -6.03 17.60
C ASP A 232 -21.71 -6.30 17.43
N VAL A 233 -20.97 -5.25 17.10
CA VAL A 233 -19.59 -5.29 16.62
C VAL A 233 -18.57 -4.85 17.66
N GLY A 234 -19.04 -4.51 18.87
CA GLY A 234 -18.11 -4.02 19.86
C GLY A 234 -17.40 -2.75 19.43
N GLN A 235 -16.16 -2.61 19.87
CA GLN A 235 -15.36 -1.40 19.66
C GLN A 235 -13.92 -1.74 19.40
N TYR A 236 -13.14 -0.71 19.06
CA TYR A 236 -11.77 -0.87 18.58
C TYR A 236 -10.94 -1.93 19.32
N ASN A 237 -10.92 -1.89 20.65
CA ASN A 237 -10.00 -2.70 21.42
C ASN A 237 -10.60 -4.03 21.87
N ASP A 238 -11.78 -4.40 21.41
CA ASP A 238 -12.32 -5.71 21.66
C ASP A 238 -11.48 -6.77 20.98
N THR A 239 -11.72 -8.02 21.43
CA THR A 239 -11.36 -9.23 20.74
C THR A 239 -12.63 -9.85 20.16
N PRO A 240 -12.52 -10.79 19.20
CA PRO A 240 -13.74 -11.28 18.52
C PRO A 240 -14.81 -11.82 19.46
N GLU A 241 -14.41 -12.58 20.47
CA GLU A 241 -15.40 -13.26 21.33
C GLU A 241 -16.12 -12.29 22.27
N ARG A 242 -15.66 -11.03 22.33
CA ARG A 242 -16.39 -9.98 23.04
C ARG A 242 -17.62 -9.50 22.32
N THR A 243 -17.84 -9.97 21.09
CA THR A 243 -18.88 -9.41 20.22
C THR A 243 -19.73 -10.53 19.65
N GLN A 244 -21.00 -10.22 19.39
CA GLN A 244 -21.86 -11.21 18.69
C GLN A 244 -21.53 -11.28 17.22
N PHE A 245 -21.01 -10.19 16.64
CA PHE A 245 -20.73 -10.19 15.21
C PHE A 245 -19.56 -11.07 14.84
N PHE A 246 -18.44 -10.91 15.54
CA PHE A 246 -17.17 -11.53 15.16
C PHE A 246 -16.85 -12.82 15.88
N ARG A 247 -17.63 -13.20 16.87
CA ARG A 247 -17.34 -14.44 17.59
C ARG A 247 -17.49 -15.63 16.65
N ASP A 248 -16.84 -16.72 17.00
CA ASP A 248 -17.03 -18.00 16.31
CA ASP A 248 -17.03 -17.95 16.26
C ASP A 248 -18.53 -18.28 16.28
N ASN A 249 -19.06 -18.60 15.12
CA ASN A 249 -20.49 -18.80 14.92
C ASN A 249 -21.34 -17.56 15.10
N GLY A 250 -20.72 -16.39 14.92
CA GLY A 250 -21.37 -15.12 15.14
C GLY A 250 -22.17 -14.64 13.93
N THR A 251 -22.69 -13.43 14.05
CA THR A 251 -23.59 -12.86 13.07
C THR A 251 -22.90 -12.37 11.79
N TYR A 252 -21.57 -12.38 11.75
CA TYR A 252 -20.90 -12.15 10.48
C TYR A 252 -21.28 -13.16 9.42
N LEU A 253 -21.75 -14.34 9.87
CA LEU A 253 -22.11 -15.44 8.96
C LEU A 253 -23.51 -15.31 8.39
N SER A 254 -24.32 -14.46 9.00
CA SER A 254 -25.72 -14.33 8.61
C SER A 254 -25.89 -13.65 7.28
N GLU A 255 -27.09 -13.74 6.74
CA GLU A 255 -27.44 -13.06 5.49
C GLU A 255 -27.11 -11.55 5.55
N LYS A 256 -27.59 -10.90 6.60
CA LYS A 256 -27.36 -9.48 6.79
C LYS A 256 -25.87 -9.18 6.93
N GLY A 257 -25.15 -10.03 7.68
CA GLY A 257 -23.73 -9.84 7.90
C GLY A 257 -22.96 -9.94 6.62
N ARG A 258 -23.25 -10.97 5.84
CA ARG A 258 -22.63 -11.16 4.54
C ARG A 258 -22.85 -10.01 3.60
N PHE A 259 -24.08 -9.50 3.57
CA PHE A 259 -24.41 -8.38 2.69
C PHE A 259 -23.61 -7.15 3.10
N PHE A 260 -23.57 -6.83 4.39
CA PHE A 260 -22.81 -5.70 4.84
C PHE A 260 -21.32 -5.83 4.53
N LEU A 261 -20.74 -7.01 4.81
CA LEU A 261 -19.32 -7.19 4.57
C LEU A 261 -18.99 -7.09 3.10
N ALA A 262 -19.84 -7.66 2.24
CA ALA A 262 -19.65 -7.52 0.80
C ALA A 262 -19.74 -6.06 0.39
N TRP A 263 -20.72 -5.34 0.90
CA TRP A 263 -20.86 -3.90 0.56
C TRP A 263 -19.61 -3.12 0.93
N TYR A 264 -19.14 -3.35 2.16
CA TYR A 264 -18.03 -2.58 2.74
C TYR A 264 -16.73 -2.82 1.94
N SER A 265 -16.46 -4.11 1.68
CA SER A 265 -15.27 -4.50 0.94
C SER A 265 -15.37 -4.18 -0.56
N ASN A 266 -16.58 -4.31 -1.14
CA ASN A 266 -16.77 -3.98 -2.54
C ASN A 266 -16.52 -2.49 -2.76
N ASN A 267 -16.91 -1.65 -1.82
CA ASN A 267 -16.70 -0.21 -2.02
C ASN A 267 -15.21 0.11 -2.11
N LEU A 268 -14.38 -0.57 -1.36
CA LEU A 268 -12.99 -0.39 -1.45
CA LEU A 268 -12.91 -0.36 -1.55
C LEU A 268 -12.44 -0.81 -2.87
N ILE A 269 -12.91 -1.95 -3.33
CA ILE A 269 -12.57 -2.42 -4.66
C ILE A 269 -12.98 -1.41 -5.73
N LYS A 270 -14.19 -0.89 -5.66
CA LYS A 270 -14.68 0.10 -6.62
C LYS A 270 -13.85 1.38 -6.58
N HIS A 271 -13.49 1.80 -5.38
CA HIS A 271 -12.64 2.98 -5.17
C HIS A 271 -11.30 2.79 -5.90
N GLY A 272 -10.66 1.64 -5.68
CA GLY A 272 -9.43 1.34 -6.40
C GLY A 272 -9.62 1.33 -7.92
N ASP A 273 -10.66 0.65 -8.37
CA ASP A 273 -10.86 0.52 -9.82
C ASP A 273 -11.00 1.88 -10.49
N ARG A 274 -11.83 2.75 -9.89
CA ARG A 274 -12.09 4.02 -10.56
CA ARG A 274 -12.09 4.01 -10.57
C ARG A 274 -10.89 4.95 -10.56
N ILE A 275 -10.11 4.95 -9.47
CA ILE A 275 -8.92 5.76 -9.43
C ILE A 275 -7.80 5.21 -10.32
N LEU A 276 -7.65 3.88 -10.32
CA LEU A 276 -6.68 3.28 -11.22
C LEU A 276 -7.03 3.55 -12.70
N ASP A 277 -8.32 3.58 -13.05
CA ASP A 277 -8.67 3.87 -14.43
C ASP A 277 -8.15 5.24 -14.82
N GLU A 278 -8.32 6.22 -13.93
CA GLU A 278 -7.81 7.56 -14.16
C GLU A 278 -6.30 7.58 -14.24
N ALA A 279 -5.63 6.89 -13.33
CA ALA A 279 -4.19 6.81 -13.35
C ALA A 279 -3.65 6.21 -14.64
N ASN A 280 -4.31 5.15 -15.10
CA ASN A 280 -3.94 4.54 -16.35
C ASN A 280 -4.07 5.51 -17.52
N LYS A 281 -5.15 6.28 -17.57
CA LYS A 281 -5.26 7.30 -18.62
C LYS A 281 -4.15 8.32 -18.53
N VAL A 282 -3.76 8.75 -17.33
CA VAL A 282 -2.70 9.70 -17.19
C VAL A 282 -1.37 9.17 -17.73
N PHE A 283 -1.01 7.94 -17.38
CA PHE A 283 0.32 7.42 -17.64
C PHE A 283 0.41 6.58 -18.90
N LEU A 284 -0.68 6.56 -19.68
CA LEU A 284 -0.76 5.81 -20.92
C LEU A 284 0.48 6.08 -21.77
N GLY A 285 1.13 5.00 -22.23
CA GLY A 285 2.27 5.12 -23.11
C GLY A 285 3.63 5.31 -22.45
N TYR A 286 3.67 5.54 -21.15
CA TYR A 286 4.94 5.65 -20.44
C TYR A 286 5.37 4.25 -19.95
N LYS A 287 6.67 4.06 -19.84
CA LYS A 287 7.24 2.78 -19.49
C LYS A 287 7.32 2.68 -17.97
N VAL A 288 6.13 2.57 -17.36
CA VAL A 288 5.98 2.48 -15.94
C VAL A 288 4.98 1.40 -15.64
N GLN A 289 5.05 0.91 -14.43
CA GLN A 289 3.93 0.15 -13.94
C GLN A 289 3.24 0.87 -12.82
N LEU A 290 1.94 0.69 -12.82
CA LEU A 290 1.08 1.24 -11.77
CA LEU A 290 1.07 1.23 -11.79
C LEU A 290 0.84 0.17 -10.73
N ALA A 291 0.87 0.60 -9.48
CA ALA A 291 0.74 -0.31 -8.32
C ALA A 291 -0.27 0.24 -7.34
N ILE A 292 -0.85 -0.66 -6.56
CA ILE A 292 -1.54 -0.30 -5.33
C ILE A 292 -0.83 -0.96 -4.16
N LYS A 293 -1.13 -0.45 -2.97
CA LYS A 293 -0.62 -0.98 -1.73
C LYS A 293 -1.77 -1.54 -0.89
N ILE A 294 -1.63 -2.81 -0.53
CA ILE A 294 -2.56 -3.49 0.35
C ILE A 294 -1.88 -3.59 1.74
N SER A 295 -2.60 -3.20 2.77
CA SER A 295 -2.12 -3.33 4.13
CA SER A 295 -2.02 -3.37 4.12
C SER A 295 -2.08 -4.80 4.58
N GLY A 296 -1.15 -5.13 5.44
CA GLY A 296 -0.99 -6.48 5.97
C GLY A 296 -1.57 -6.64 7.34
N ILE A 297 -2.83 -7.07 7.38
CA ILE A 297 -3.60 -7.15 8.61
C ILE A 297 -3.49 -8.60 9.10
N HIS A 298 -2.38 -8.89 9.75
CA HIS A 298 -2.03 -10.24 10.16
C HIS A 298 -2.70 -10.69 11.42
N TRP A 299 -3.14 -9.73 12.24
CA TRP A 299 -3.75 -10.01 13.52
C TRP A 299 -5.19 -10.47 13.31
N TRP A 300 -5.57 -11.54 14.03
CA TRP A 300 -6.85 -12.25 13.91
C TRP A 300 -6.96 -13.12 12.68
N TYR A 301 -5.88 -13.26 11.90
CA TYR A 301 -5.96 -14.12 10.74
C TYR A 301 -6.25 -15.56 11.13
N LYS A 302 -5.84 -15.97 12.32
CA LYS A 302 -6.06 -17.35 12.76
C LYS A 302 -7.45 -17.66 13.28
N VAL A 303 -8.33 -16.69 13.48
CA VAL A 303 -9.67 -16.99 13.99
C VAL A 303 -10.68 -16.93 12.87
N PRO A 304 -11.86 -17.58 13.04
CA PRO A 304 -12.79 -17.67 11.91
C PRO A 304 -13.23 -16.37 11.31
N SER A 305 -13.45 -15.35 12.11
CA SER A 305 -13.95 -14.09 11.60
C SER A 305 -12.91 -13.22 10.89
N HIS A 306 -11.62 -13.48 11.06
CA HIS A 306 -10.59 -12.61 10.47
C HIS A 306 -10.99 -11.14 10.77
N ALA A 307 -11.31 -10.84 12.04
CA ALA A 307 -12.03 -9.61 12.36
C ALA A 307 -11.32 -8.36 11.92
N ALA A 308 -10.00 -8.28 12.13
CA ALA A 308 -9.27 -7.04 11.79
C ALA A 308 -9.17 -6.85 10.28
N GLU A 309 -9.03 -7.93 9.51
CA GLU A 309 -9.11 -7.81 8.07
C GLU A 309 -10.48 -7.26 7.68
N LEU A 310 -11.54 -7.81 8.29
CA LEU A 310 -12.90 -7.38 7.90
C LEU A 310 -13.06 -5.89 8.13
N THR A 311 -12.65 -5.36 9.29
CA THR A 311 -12.82 -3.94 9.56
C THR A 311 -11.92 -3.05 8.71
N ALA A 312 -10.77 -3.56 8.28
CA ALA A 312 -9.92 -2.84 7.36
C ALA A 312 -10.51 -2.75 5.96
N GLY A 313 -11.44 -3.66 5.62
CA GLY A 313 -12.09 -3.73 4.34
C GLY A 313 -11.74 -4.91 3.49
N TYR A 314 -11.04 -5.88 4.06
CA TYR A 314 -10.64 -7.09 3.34
C TYR A 314 -11.50 -8.24 3.80
N TYR A 315 -12.46 -8.63 2.95
CA TYR A 315 -13.47 -9.62 3.32
C TYR A 315 -12.96 -11.04 3.06
N ASN A 316 -12.10 -11.46 3.98
CA ASN A 316 -11.27 -12.64 3.86
C ASN A 316 -11.64 -13.63 4.94
N LEU A 317 -12.05 -14.83 4.51
CA LEU A 317 -12.49 -15.89 5.43
C LEU A 317 -11.89 -17.22 4.95
N HIS A 318 -12.05 -18.28 5.72
CA HIS A 318 -11.54 -19.60 5.34
CA HIS A 318 -11.42 -19.55 5.32
C HIS A 318 -11.96 -20.01 3.96
N ASP A 319 -13.20 -19.66 3.62
CA ASP A 319 -13.82 -20.08 2.39
C ASP A 319 -14.10 -18.93 1.44
N ARG A 320 -13.41 -17.79 1.60
CA ARG A 320 -13.64 -16.61 0.76
C ARG A 320 -12.34 -15.85 0.62
N ASP A 321 -11.81 -15.81 -0.58
CA ASP A 321 -10.54 -15.14 -0.87
C ASP A 321 -10.75 -13.65 -1.08
N GLY A 322 -10.55 -12.87 0.01
CA GLY A 322 -10.77 -11.42 -0.08
C GLY A 322 -9.63 -10.64 -0.69
N TYR A 323 -8.57 -11.33 -1.08
CA TYR A 323 -7.48 -10.69 -1.81
C TYR A 323 -7.46 -11.04 -3.28
N ARG A 324 -7.95 -12.22 -3.66
CA ARG A 324 -8.01 -12.57 -5.06
C ARG A 324 -9.05 -11.73 -5.81
N THR A 325 -10.10 -11.29 -5.12
CA THR A 325 -11.05 -10.34 -5.70
C THR A 325 -10.33 -9.03 -6.04
N ILE A 326 -9.56 -8.48 -5.11
CA ILE A 326 -8.80 -7.28 -5.36
C ILE A 326 -7.86 -7.50 -6.53
N ALA A 327 -7.17 -8.62 -6.53
CA ALA A 327 -6.26 -8.96 -7.63
C ALA A 327 -6.98 -8.98 -8.99
N ARG A 328 -8.16 -9.57 -9.04
CA ARG A 328 -8.94 -9.64 -10.27
C ARG A 328 -9.32 -8.24 -10.76
N MET A 329 -9.66 -7.33 -9.85
CA MET A 329 -9.92 -5.94 -10.21
C MET A 329 -8.70 -5.28 -10.84
N LEU A 330 -7.51 -5.62 -10.36
CA LEU A 330 -6.26 -5.01 -10.87
C LEU A 330 -5.91 -5.46 -12.28
N LYS A 331 -6.40 -6.64 -12.67
CA LYS A 331 -5.96 -7.31 -13.89
C LYS A 331 -6.15 -6.43 -15.11
N ARG A 332 -7.32 -5.81 -15.30
CA ARG A 332 -7.56 -5.06 -16.52
C ARG A 332 -6.65 -3.90 -16.65
N HIS A 333 -6.16 -3.35 -15.51
CA HIS A 333 -5.25 -2.22 -15.50
C HIS A 333 -3.80 -2.64 -15.75
N ARG A 334 -3.54 -3.92 -15.67
CA ARG A 334 -2.16 -4.43 -15.60
C ARG A 334 -1.40 -3.75 -14.46
N ALA A 335 -2.12 -3.57 -13.35
CA ALA A 335 -1.57 -3.01 -12.13
C ALA A 335 -0.94 -4.09 -11.28
N SER A 336 0.01 -3.71 -10.46
N SER A 336 0.06 -3.69 -10.49
CA SER A 336 0.67 -4.65 -9.59
CA SER A 336 0.77 -4.55 -9.56
C SER A 336 0.17 -4.47 -8.16
C SER A 336 0.15 -4.47 -8.16
N ILE A 337 0.35 -5.52 -7.37
CA ILE A 337 0.11 -5.48 -5.94
C ILE A 337 1.41 -5.26 -5.23
N ASN A 338 1.47 -4.30 -4.32
CA ASN A 338 2.55 -4.15 -3.36
C ASN A 338 1.99 -4.48 -2.00
N PHE A 339 2.55 -5.51 -1.38
CA PHE A 339 2.11 -6.02 -0.10
C PHE A 339 3.16 -5.69 0.96
N THR A 340 3.05 -6.29 2.14
CA THR A 340 3.90 -6.00 3.28
C THR A 340 4.05 -7.26 4.12
N CYS A 341 4.75 -7.16 5.24
CA CYS A 341 4.97 -8.28 6.15
C CYS A 341 5.96 -9.30 5.60
N ALA A 342 6.75 -8.92 4.61
CA ALA A 342 7.68 -9.86 3.97
C ALA A 342 8.75 -10.42 4.91
N GLU A 343 9.02 -9.71 6.01
CA GLU A 343 10.08 -10.05 6.95
C GLU A 343 9.61 -10.82 8.16
N MET A 344 8.30 -11.01 8.30
CA MET A 344 7.72 -11.51 9.54
C MET A 344 7.61 -13.05 9.55
N ARG A 345 7.98 -13.62 10.68
CA ARG A 345 7.66 -15.01 10.99
C ARG A 345 6.55 -15.07 12.02
N ASP A 346 5.71 -16.09 11.92
CA ASP A 346 4.62 -16.28 12.87
C ASP A 346 5.13 -16.39 14.31
N SER A 347 6.28 -17.05 14.49
CA SER A 347 6.85 -17.24 15.81
C SER A 347 7.29 -15.95 16.47
N GLU A 348 7.41 -14.87 15.70
CA GLU A 348 7.78 -13.57 16.22
C GLU A 348 6.63 -12.77 16.80
N GLN A 349 5.41 -13.26 16.59
CA GLN A 349 4.21 -12.52 16.98
C GLN A 349 3.73 -12.98 18.33
N SER A 350 3.01 -12.11 19.04
CA SER A 350 2.44 -12.53 20.32
C SER A 350 1.28 -13.49 20.10
N SER A 351 1.10 -14.42 21.01
CA SER A 351 0.05 -15.41 20.93
C SER A 351 -1.34 -14.80 20.89
N GLN A 352 -1.57 -13.79 21.71
CA GLN A 352 -2.90 -13.25 21.84
C GLN A 352 -3.33 -12.49 20.60
N ALA A 353 -2.42 -12.12 19.69
CA ALA A 353 -2.79 -11.47 18.43
C ALA A 353 -3.37 -12.40 17.39
N MET A 354 -3.26 -13.70 17.61
CA MET A 354 -3.78 -14.69 16.70
CA MET A 354 -3.80 -14.67 16.69
C MET A 354 -3.35 -14.36 15.27
N SER A 355 -2.06 -14.16 15.14
CA SER A 355 -1.44 -13.58 13.99
C SER A 355 -0.72 -14.56 13.10
N ALA A 356 -0.92 -14.45 11.79
CA ALA A 356 -0.32 -15.39 10.83
C ALA A 356 0.22 -14.66 9.62
N PRO A 357 1.24 -13.80 9.80
CA PRO A 357 1.77 -13.06 8.65
C PRO A 357 2.29 -13.93 7.54
N GLU A 358 2.91 -15.06 7.85
CA GLU A 358 3.47 -15.89 6.76
C GLU A 358 2.36 -16.36 5.86
N GLU A 359 1.30 -16.91 6.47
CA GLU A 359 0.19 -17.43 5.70
CA GLU A 359 0.18 -17.42 5.71
C GLU A 359 -0.55 -16.32 4.94
N LEU A 360 -0.65 -15.15 5.53
CA LEU A 360 -1.26 -14.01 4.87
C LEU A 360 -0.45 -13.61 3.64
N VAL A 361 0.87 -13.48 3.82
CA VAL A 361 1.77 -13.18 2.69
C VAL A 361 1.61 -14.25 1.58
N GLN A 362 1.59 -15.53 1.95
CA GLN A 362 1.43 -16.60 0.96
C GLN A 362 0.12 -16.48 0.21
N GLN A 363 -0.92 -16.13 0.95
CA GLN A 363 -2.24 -15.95 0.34
C GLN A 363 -2.25 -14.81 -0.66
N VAL A 364 -1.72 -13.65 -0.31
CA VAL A 364 -1.77 -12.49 -1.17
C VAL A 364 -0.92 -12.69 -2.42
N LEU A 365 0.30 -13.18 -2.22
CA LEU A 365 1.20 -13.47 -3.34
C LEU A 365 0.56 -14.47 -4.28
N SER A 366 -0.01 -15.55 -3.71
CA SER A 366 -0.63 -16.55 -4.56
C SER A 366 -1.82 -15.99 -5.35
N ALA A 367 -2.62 -15.15 -4.69
CA ALA A 367 -3.76 -14.53 -5.36
C ALA A 367 -3.31 -13.66 -6.53
N GLY A 368 -2.31 -12.82 -6.32
CA GLY A 368 -1.77 -11.99 -7.37
C GLY A 368 -1.24 -12.82 -8.53
N TRP A 369 -0.45 -13.84 -8.22
CA TRP A 369 0.09 -14.67 -9.28
C TRP A 369 -0.98 -15.41 -10.05
N ARG A 370 -2.02 -15.88 -9.38
CA ARG A 370 -3.11 -16.53 -10.08
C ARG A 370 -3.85 -15.61 -11.01
N GLU A 371 -3.86 -14.31 -10.75
CA GLU A 371 -4.48 -13.34 -11.63
C GLU A 371 -3.50 -12.78 -12.67
N GLY A 372 -2.28 -13.31 -12.72
CA GLY A 372 -1.29 -12.89 -13.68
C GLY A 372 -0.58 -11.58 -13.38
N LEU A 373 -0.62 -11.15 -12.13
CA LEU A 373 -0.04 -9.86 -11.75
C LEU A 373 1.40 -9.95 -11.35
N ASN A 374 2.11 -8.84 -11.52
CA ASN A 374 3.34 -8.64 -10.79
C ASN A 374 3.00 -8.34 -9.32
N VAL A 375 3.77 -8.95 -8.41
CA VAL A 375 3.58 -8.77 -6.99
C VAL A 375 4.90 -8.35 -6.39
N ALA A 376 4.87 -7.26 -5.64
CA ALA A 376 6.03 -6.78 -4.89
C ALA A 376 5.69 -6.77 -3.42
N CYS A 377 6.69 -6.55 -2.56
CA CYS A 377 6.40 -6.51 -1.15
CA CYS A 377 6.48 -6.60 -1.11
C CYS A 377 7.39 -5.64 -0.41
N GLU A 378 6.94 -5.17 0.74
CA GLU A 378 7.71 -4.43 1.72
C GLU A 378 7.87 -5.22 3.03
N ASN A 379 8.81 -4.81 3.87
CA ASN A 379 8.77 -5.19 5.25
C ASN A 379 7.81 -4.31 6.00
N ALA A 380 7.09 -4.90 6.96
CA ALA A 380 6.17 -4.16 7.81
C ALA A 380 6.85 -3.31 8.87
N LEU A 381 7.82 -3.86 9.56
CA LEU A 381 8.45 -3.21 10.70
C LEU A 381 9.95 -3.08 10.48
N PRO A 382 10.58 -2.14 11.19
CA PRO A 382 12.03 -1.98 11.00
C PRO A 382 12.77 -3.23 11.47
N ARG A 383 13.65 -3.74 10.64
CA ARG A 383 14.47 -4.90 10.96
C ARG A 383 15.82 -4.75 10.29
N TYR A 384 16.87 -5.16 11.01
CA TYR A 384 18.23 -5.04 10.52
C TYR A 384 19.00 -6.35 10.57
N ASP A 385 18.32 -7.40 11.05
CA ASP A 385 18.98 -8.67 11.39
C ASP A 385 18.90 -9.71 10.27
N PRO A 386 19.88 -10.65 10.26
CA PRO A 386 19.89 -11.69 9.23
C PRO A 386 18.59 -12.49 9.11
N THR A 387 17.97 -12.84 10.24
CA THR A 387 16.77 -13.66 10.17
C THR A 387 15.69 -12.95 9.34
N ALA A 388 15.48 -11.65 9.58
CA ALA A 388 14.53 -10.86 8.81
C ALA A 388 14.83 -10.90 7.33
N TYR A 389 16.10 -10.70 6.99
CA TYR A 389 16.50 -10.73 5.60
C TYR A 389 16.27 -12.11 4.96
N ASN A 390 16.52 -13.17 5.73
CA ASN A 390 16.29 -14.51 5.24
C ASN A 390 14.80 -14.80 5.05
N THR A 391 13.94 -14.23 5.90
CA THR A 391 12.50 -14.38 5.72
C THR A 391 12.05 -13.67 4.44
N ILE A 392 12.57 -12.46 4.21
CA ILE A 392 12.29 -11.75 2.99
C ILE A 392 12.74 -12.55 1.79
N LEU A 393 13.97 -13.11 1.84
CA LEU A 393 14.47 -13.92 0.75
C LEU A 393 13.58 -15.11 0.43
N ARG A 394 13.07 -15.78 1.47
CA ARG A 394 12.14 -16.90 1.25
C ARG A 394 10.92 -16.43 0.46
N ASN A 395 10.32 -15.34 0.92
CA ASN A 395 9.14 -14.80 0.26
C ASN A 395 9.42 -14.30 -1.15
N ALA A 396 10.65 -13.83 -1.39
CA ALA A 396 10.99 -13.31 -2.69
C ALA A 396 11.09 -14.38 -3.76
N ARG A 397 11.53 -15.58 -3.35
CA ARG A 397 11.63 -16.73 -4.26
C ARG A 397 11.11 -17.96 -3.49
N PRO A 398 9.79 -18.12 -3.44
CA PRO A 398 9.20 -19.13 -2.59
C PRO A 398 9.63 -20.56 -2.92
N HIS A 399 10.04 -20.79 -4.17
CA HIS A 399 10.45 -22.13 -4.61
C HIS A 399 11.94 -22.22 -4.73
N GLY A 400 12.66 -21.21 -4.28
CA GLY A 400 14.10 -21.12 -4.37
C GLY A 400 14.59 -20.75 -5.76
N ILE A 401 15.89 -21.02 -5.98
CA ILE A 401 16.59 -20.68 -7.22
C ILE A 401 16.28 -21.71 -8.33
N ASN A 402 15.93 -21.27 -9.54
CA ASN A 402 16.00 -22.12 -10.74
C ASN A 402 17.38 -21.95 -11.35
N GLN A 403 18.12 -23.05 -11.47
CA GLN A 403 19.48 -22.97 -11.97
C GLN A 403 19.64 -22.57 -13.45
N SER A 404 18.61 -22.77 -14.28
CA SER A 404 18.76 -22.52 -15.73
C SER A 404 17.76 -21.55 -16.41
N GLY A 405 16.91 -20.91 -15.62
CA GLY A 405 15.93 -19.98 -16.17
C GLY A 405 15.20 -19.30 -15.03
N PRO A 406 14.13 -18.57 -15.35
CA PRO A 406 13.36 -17.95 -14.28
C PRO A 406 12.66 -18.99 -13.40
N PRO A 407 12.51 -18.71 -12.10
CA PRO A 407 11.76 -19.59 -11.22
C PRO A 407 10.27 -19.49 -11.53
N GLU A 408 9.51 -20.42 -10.99
CA GLU A 408 8.10 -20.49 -11.30
C GLU A 408 7.32 -19.26 -10.80
N HIS A 409 7.70 -18.75 -9.63
CA HIS A 409 7.16 -17.53 -9.02
C HIS A 409 8.28 -16.78 -8.33
N LYS A 410 8.17 -15.45 -8.34
CA LYS A 410 9.12 -14.59 -7.63
CA LYS A 410 9.14 -14.59 -7.69
C LYS A 410 8.49 -13.24 -7.46
N LEU A 411 8.89 -12.53 -6.41
CA LEU A 411 8.51 -11.14 -6.30
C LEU A 411 9.12 -10.36 -7.47
N PHE A 412 8.34 -9.40 -7.98
CA PHE A 412 8.80 -8.46 -8.98
C PHE A 412 9.74 -7.42 -8.39
N GLY A 413 9.63 -7.20 -7.10
CA GLY A 413 10.54 -6.30 -6.41
C GLY A 413 10.26 -6.37 -4.92
N PHE A 414 11.21 -5.87 -4.16
CA PHE A 414 11.09 -5.69 -2.72
C PHE A 414 11.49 -4.26 -2.38
N THR A 415 10.73 -3.60 -1.50
CA THR A 415 11.07 -2.25 -1.02
C THR A 415 11.25 -2.27 0.47
N TYR A 416 12.45 -1.83 0.88
CA TYR A 416 12.85 -1.79 2.26
C TYR A 416 12.41 -0.52 2.95
N LEU A 417 11.68 -0.66 4.05
CA LEU A 417 11.28 0.44 4.92
C LEU A 417 12.28 0.48 6.07
N ARG A 418 13.08 1.53 6.25
CA ARG A 418 13.26 2.67 5.34
C ARG A 418 14.70 3.17 5.54
N LEU A 419 15.19 3.96 4.59
CA LEU A 419 16.49 4.57 4.72
C LEU A 419 16.58 5.44 5.97
N SER A 420 17.69 5.30 6.68
CA SER A 420 18.07 6.19 7.76
C SER A 420 19.59 6.08 7.90
N ASN A 421 20.18 6.95 8.71
CA ASN A 421 21.60 6.80 9.01
C ASN A 421 21.93 5.48 9.71
N GLN A 422 21.01 4.96 10.52
CA GLN A 422 21.19 3.71 11.23
C GLN A 422 21.37 2.54 10.27
N LEU A 423 20.69 2.56 9.14
CA LEU A 423 20.78 1.48 8.20
C LEU A 423 22.15 1.33 7.59
N VAL A 424 22.78 2.46 7.32
CA VAL A 424 23.94 2.48 6.44
C VAL A 424 25.27 2.62 7.18
N GLU A 425 25.26 2.18 8.42
CA GLU A 425 26.53 2.05 9.13
C GLU A 425 26.65 0.72 9.84
N GLY A 426 27.88 0.38 10.17
CA GLY A 426 28.16 -0.73 11.05
C GLY A 426 27.66 -2.06 10.56
N GLN A 427 27.29 -2.86 11.54
CA GLN A 427 26.76 -4.18 11.28
C GLN A 427 25.45 -4.15 10.48
N ASN A 428 24.63 -3.15 10.77
CA ASN A 428 23.39 -3.02 10.00
C ASN A 428 23.66 -2.93 8.49
N TYR A 429 24.66 -2.12 8.12
CA TYR A 429 25.00 -2.00 6.74
C TYR A 429 25.56 -3.27 6.14
N ALA A 430 26.46 -3.93 6.86
CA ALA A 430 26.98 -5.20 6.37
C ALA A 430 25.88 -6.21 6.08
N ASN A 431 24.92 -6.30 6.99
CA ASN A 431 23.80 -7.25 6.81
C ASN A 431 22.98 -6.86 5.57
N PHE A 432 22.69 -5.57 5.44
CA PHE A 432 21.89 -5.09 4.31
C PHE A 432 22.55 -5.35 2.96
N LYS A 433 23.85 -5.07 2.87
CA LYS A 433 24.54 -5.31 1.61
C LYS A 433 24.49 -6.77 1.21
N THR A 434 24.75 -7.67 2.16
CA THR A 434 24.72 -9.09 1.86
C THR A 434 23.31 -9.48 1.40
N PHE A 435 22.28 -8.97 2.08
CA PHE A 435 20.91 -9.19 1.64
C PHE A 435 20.69 -8.80 0.17
N VAL A 436 21.14 -7.61 -0.22
CA VAL A 436 20.99 -7.19 -1.59
C VAL A 436 21.70 -8.18 -2.54
N ASP A 437 22.92 -8.62 -2.20
CA ASP A 437 23.59 -9.61 -3.02
C ASP A 437 22.69 -10.82 -3.22
N ARG A 438 22.16 -11.36 -2.12
CA ARG A 438 21.30 -12.58 -2.20
C ARG A 438 20.03 -12.35 -3.01
N MET A 439 19.40 -11.18 -2.85
CA MET A 439 18.23 -10.87 -3.65
C MET A 439 18.56 -10.89 -5.12
N HIS A 440 19.76 -10.43 -5.45
CA HIS A 440 20.25 -10.40 -6.83
C HIS A 440 20.87 -11.74 -7.26
N ALA A 441 20.65 -12.81 -6.50
CA ALA A 441 21.17 -14.14 -6.84
C ALA A 441 22.70 -14.10 -7.01
N ASN A 442 23.32 -13.24 -6.20
CA ASN A 442 24.78 -13.04 -6.15
C ASN A 442 25.37 -12.49 -7.44
N LEU A 443 24.54 -11.80 -8.21
CA LEU A 443 24.92 -11.08 -9.39
C LEU A 443 25.11 -9.61 -9.09
N PRO A 444 25.87 -8.89 -9.93
CA PRO A 444 25.93 -7.44 -9.80
C PRO A 444 24.62 -6.77 -10.21
N ARG A 445 24.49 -5.50 -9.81
CA ARG A 445 23.28 -4.75 -10.16
CA ARG A 445 23.30 -4.75 -10.14
CA ARG A 445 23.29 -4.75 -10.16
C ARG A 445 23.12 -4.73 -11.67
N ASP A 446 21.90 -4.92 -12.14
CA ASP A 446 21.60 -4.90 -13.57
C ASP A 446 20.71 -3.72 -13.85
N PRO A 447 21.25 -2.63 -14.40
CA PRO A 447 20.45 -1.45 -14.64
C PRO A 447 19.34 -1.70 -15.70
N TYR A 448 19.43 -2.78 -16.48
CA TYR A 448 18.50 -3.07 -17.59
C TYR A 448 17.41 -4.05 -17.16
N VAL A 449 17.39 -4.48 -15.89
CA VAL A 449 16.52 -5.59 -15.53
C VAL A 449 15.05 -5.18 -15.57
N ASP A 450 14.19 -6.14 -15.88
CA ASP A 450 12.73 -5.97 -15.86
C ASP A 450 12.27 -4.75 -16.63
N PRO A 451 12.61 -4.67 -17.92
CA PRO A 451 12.16 -3.55 -18.73
C PRO A 451 10.62 -3.50 -18.84
N MET A 452 10.06 -2.28 -18.87
CA MET A 452 8.61 -2.05 -18.99
CA MET A 452 8.61 -2.05 -18.98
C MET A 452 8.26 -1.62 -20.40
N ALA A 453 7.19 -2.18 -20.96
CA ALA A 453 6.65 -1.69 -22.23
C ALA A 453 5.86 -0.39 -21.99
N PRO A 454 5.64 0.41 -23.06
CA PRO A 454 4.68 1.52 -22.89
C PRO A 454 3.37 1.03 -22.31
N LEU A 455 2.87 1.72 -21.32
CA LEU A 455 1.66 1.31 -20.59
C LEU A 455 0.44 1.29 -21.51
N PRO A 456 -0.19 0.14 -21.72
CA PRO A 456 -1.40 0.09 -22.52
C PRO A 456 -2.62 0.56 -21.74
N ARG A 457 -3.67 0.91 -22.44
CA ARG A 457 -4.90 1.30 -21.80
C ARG A 457 -5.51 0.12 -21.07
N SER A 458 -6.15 0.39 -19.94
CA SER A 458 -6.89 -0.62 -19.19
C SER A 458 -7.91 -1.31 -20.10
N GLY A 459 -8.07 -2.61 -19.90
CA GLY A 459 -9.09 -3.37 -20.55
C GLY A 459 -10.48 -3.02 -20.04
N PRO A 460 -11.50 -3.67 -20.62
CA PRO A 460 -12.88 -3.38 -20.33
C PRO A 460 -13.20 -3.43 -18.85
N GLU A 461 -13.93 -2.44 -18.36
CA GLU A 461 -14.47 -2.44 -17.04
C GLU A 461 -15.29 -3.69 -16.84
N ILE A 462 -15.07 -4.36 -15.72
CA ILE A 462 -15.85 -5.51 -15.30
C ILE A 462 -16.63 -5.18 -14.04
N SER A 463 -17.79 -5.79 -13.94
CA SER A 463 -18.67 -5.51 -12.81
C SER A 463 -18.15 -6.10 -11.51
N ILE A 464 -18.71 -5.61 -10.42
CA ILE A 464 -18.37 -6.16 -9.11
C ILE A 464 -18.71 -7.65 -9.05
N GLU A 465 -19.82 -8.05 -9.68
CA GLU A 465 -20.15 -9.46 -9.70
C GLU A 465 -19.09 -10.29 -10.40
N MET A 466 -18.58 -9.78 -11.51
CA MET A 466 -17.50 -10.45 -12.23
C MET A 466 -16.23 -10.54 -11.36
N ILE A 467 -15.88 -9.45 -10.70
CA ILE A 467 -14.70 -9.47 -9.84
C ILE A 467 -14.83 -10.51 -8.70
N LEU A 468 -16.04 -10.62 -8.15
CA LEU A 468 -16.28 -11.50 -7.02
C LEU A 468 -16.30 -12.97 -7.38
N GLN A 469 -16.33 -13.31 -8.66
CA GLN A 469 -16.15 -14.72 -9.01
CA GLN A 469 -16.12 -14.71 -9.10
C GLN A 469 -14.81 -15.25 -8.53
N ALA A 470 -13.82 -14.37 -8.31
CA ALA A 470 -12.51 -14.78 -7.81
C ALA A 470 -12.55 -15.18 -6.34
N ALA A 471 -13.61 -14.87 -5.58
CA ALA A 471 -13.63 -15.11 -4.15
C ALA A 471 -13.71 -16.59 -3.78
N GLN A 472 -14.36 -17.38 -4.63
CA GLN A 472 -14.66 -18.77 -4.30
C GLN A 472 -14.62 -19.58 -5.61
N PRO A 473 -14.24 -20.87 -5.53
CA PRO A 473 -13.69 -21.51 -4.33
C PRO A 473 -12.35 -20.91 -3.90
N LYS A 474 -12.12 -20.91 -2.59
CA LYS A 474 -10.83 -20.50 -2.08
C LYS A 474 -9.81 -21.59 -2.41
N LEU A 475 -8.66 -21.22 -2.98
CA LEU A 475 -7.63 -22.18 -3.33
C LEU A 475 -6.47 -22.14 -2.35
N GLN A 476 -5.81 -23.29 -2.18
CA GLN A 476 -4.63 -23.34 -1.34
C GLN A 476 -3.53 -22.49 -1.97
N PRO A 477 -2.64 -21.94 -1.15
CA PRO A 477 -1.53 -21.18 -1.72
C PRO A 477 -0.55 -22.06 -2.45
N PHE A 478 0.25 -21.47 -3.33
CA PHE A 478 1.37 -22.17 -3.89
C PHE A 478 2.30 -22.59 -2.76
N PRO A 479 3.03 -23.70 -2.96
CA PRO A 479 3.93 -24.12 -1.89
C PRO A 479 5.12 -23.21 -1.69
N PHE A 480 5.41 -22.85 -0.45
CA PHE A 480 6.58 -22.01 -0.09
C PHE A 480 7.58 -22.87 0.72
N GLN A 481 8.87 -22.73 0.40
CA GLN A 481 9.91 -23.36 1.21
C GLN A 481 9.88 -22.79 2.59
N GLU A 482 10.24 -23.60 3.58
CA GLU A 482 10.31 -23.10 4.94
C GLU A 482 11.42 -22.08 5.10
N HIS A 483 12.54 -22.33 4.45
CA HIS A 483 13.70 -21.45 4.56
C HIS A 483 14.27 -21.19 3.18
N THR A 484 14.84 -20.01 2.98
CA THR A 484 15.54 -19.72 1.74
C THR A 484 16.68 -20.68 1.49
N ASP A 485 16.89 -20.97 0.21
CA ASP A 485 18.08 -21.70 -0.24
C ASP A 485 19.30 -20.80 -0.48
N LEU A 486 19.20 -19.49 -0.24
CA LEU A 486 20.30 -18.58 -0.47
C LEU A 486 20.38 -17.59 0.65
N PRO A 487 20.58 -18.09 1.87
CA PRO A 487 20.59 -17.21 3.04
C PRO A 487 21.75 -16.23 3.06
N VAL A 488 21.59 -15.21 3.87
CA VAL A 488 22.63 -14.22 4.10
CA VAL A 488 22.68 -14.26 4.02
C VAL A 488 23.98 -14.84 4.59
N GLY A 489 23.88 -15.75 5.56
CA GLY A 489 25.04 -16.36 6.21
C GLY A 489 25.31 -15.53 7.45
#